data_2FBN
#
_entry.id   2FBN
#
_cell.length_a   56.239
_cell.length_b   62.936
_cell.length_c   103.334
_cell.angle_alpha   90.00
_cell.angle_beta   90.00
_cell.angle_gamma   90.00
#
_symmetry.space_group_name_H-M   'P 21 21 21'
#
loop_
_entity.id
_entity.type
_entity.pdbx_description
1 polymer '70 kDa peptidylprolyl isomerase, putative'
2 water water
#
_entity_poly.entity_id   1
_entity_poly.type   'polypeptide(L)'
_entity_poly.pdbx_seq_one_letter_code
;MGSSHHHHHHSSGRENLYFQGAKKSIYDYTDEEKVQSAFDIKEEGNEFFKKNEINEAIVKYKEALDFFIHTEEWDDQILL
DKKKNIEISCNLNLATCYNKNKDYPKAIDHASKVLKIDKNNVKALYKLGVANMYFGFLEEAKENLYKAASLNPNNLDIRN
SYELCVNKLKEARKKDKLTFGGMFDKGPLYEEKKNSAN
;
_entity_poly.pdbx_strand_id   A,B
#
# COMPACT_ATOMS: atom_id res chain seq x y z
N ALA A 22 -23.74 16.22 6.89
CA ALA A 22 -23.18 14.86 7.15
C ALA A 22 -22.21 14.48 6.04
N LYS A 23 -21.05 13.96 6.43
CA LYS A 23 -20.08 13.42 5.48
C LYS A 23 -20.31 11.92 5.38
N LYS A 24 -20.83 11.49 4.23
CA LYS A 24 -21.15 10.08 4.00
C LYS A 24 -20.16 9.38 3.09
N SER A 25 -19.45 10.14 2.26
CA SER A 25 -18.41 9.57 1.40
C SER A 25 -17.36 10.64 1.09
N ILE A 26 -16.31 10.25 0.37
CA ILE A 26 -15.27 11.20 0.01
C ILE A 26 -15.80 12.33 -0.91
N TYR A 27 -16.91 12.08 -1.60
CA TYR A 27 -17.53 13.06 -2.47
C TYR A 27 -17.86 14.36 -1.72
N ASP A 28 -18.12 14.23 -0.43
CA ASP A 28 -18.66 15.32 0.38
C ASP A 28 -17.61 16.33 0.89
N TYR A 29 -16.34 16.07 0.57
CA TYR A 29 -15.23 16.92 1.04
C TYR A 29 -14.60 17.78 -0.07
N THR A 30 -14.43 19.07 0.23
CA THR A 30 -13.63 19.96 -0.61
C THR A 30 -12.16 19.61 -0.35
N ASP A 31 -11.27 20.07 -1.23
CA ASP A 31 -9.83 19.83 -1.03
C ASP A 31 -9.33 20.40 0.30
N GLU A 32 -9.79 21.60 0.63
CA GLU A 32 -9.46 22.20 1.92
C GLU A 32 -9.90 21.30 3.08
N GLU A 33 -11.09 20.72 2.97
CA GLU A 33 -11.64 19.85 4.01
C GLU A 33 -10.89 18.54 4.11
N LYS A 34 -10.42 18.02 2.95
CA LYS A 34 -9.62 16.80 2.94
C LYS A 34 -8.36 17.01 3.78
N VAL A 35 -7.69 18.14 3.56
CA VAL A 35 -6.49 18.48 4.33
C VAL A 35 -6.78 18.61 5.82
N GLN A 36 -7.83 19.37 6.16
CA GLN A 36 -8.17 19.60 7.56
C GLN A 36 -8.51 18.30 8.30
N SER A 37 -9.34 17.47 7.68
CA SER A 37 -9.75 16.20 8.27
C SER A 37 -8.55 15.26 8.40
N ALA A 38 -7.71 15.21 7.37
CA ALA A 38 -6.49 14.37 7.43
C ALA A 38 -5.60 14.80 8.60
N PHE A 39 -5.42 16.10 8.77
CA PHE A 39 -4.60 16.61 9.88
C PHE A 39 -5.22 16.17 11.22
N ASP A 40 -6.54 16.37 11.36
CA ASP A 40 -7.24 16.07 12.60
C ASP A 40 -7.18 14.59 12.95
N ILE A 41 -7.38 13.75 11.93
CA ILE A 41 -7.34 12.31 12.12
C ILE A 41 -5.91 11.84 12.48
N LYS A 42 -4.91 12.45 11.84
CA LYS A 42 -3.51 12.19 12.18
C LYS A 42 -3.29 12.48 13.67
N GLU A 43 -3.80 13.60 14.17
CA GLU A 43 -3.65 13.93 15.59
C GLU A 43 -4.31 12.86 16.48
N GLU A 44 -5.46 12.35 16.08
CA GLU A 44 -6.10 11.24 16.80
C GLU A 44 -5.20 10.01 16.86
N GLY A 45 -4.54 9.73 15.73
CA GLY A 45 -3.54 8.65 15.66
C GLY A 45 -2.42 8.86 16.67
N ASN A 46 -1.87 10.08 16.69
CA ASN A 46 -0.81 10.46 17.63
C ASN A 46 -1.24 10.23 19.10
N GLU A 47 -2.51 10.53 19.39
CA GLU A 47 -3.04 10.33 20.75
C GLU A 47 -3.09 8.86 21.16
N PHE A 48 -3.55 8.01 20.24
CA PHE A 48 -3.50 6.57 20.47
C PHE A 48 -2.05 6.07 20.61
N PHE A 49 -1.16 6.62 19.79
CA PHE A 49 0.22 6.16 19.76
C PHE A 49 0.87 6.35 21.14
N LYS A 50 0.70 7.54 21.70
CA LYS A 50 1.23 7.86 23.03
C LYS A 50 0.65 6.98 24.15
N LYS A 51 -0.57 6.47 23.93
CA LYS A 51 -1.20 5.56 24.90
C LYS A 51 -0.83 4.08 24.65
N ASN A 52 0.11 3.85 23.73
CA ASN A 52 0.53 2.51 23.31
C ASN A 52 -0.61 1.70 22.68
N GLU A 53 -1.63 2.41 22.19
CA GLU A 53 -2.72 1.79 21.46
C GLU A 53 -2.34 1.76 19.99
N ILE A 54 -1.38 0.90 19.67
CA ILE A 54 -0.74 0.91 18.36
C ILE A 54 -1.71 0.52 17.24
N ASN A 55 -2.52 -0.52 17.44
CA ASN A 55 -3.45 -0.93 16.39
C ASN A 55 -4.44 0.19 16.07
N GLU A 56 -4.90 0.86 17.12
CA GLU A 56 -5.84 1.97 16.98
C GLU A 56 -5.17 3.15 16.25
N ALA A 57 -3.90 3.41 16.59
CA ALA A 57 -3.14 4.45 15.92
C ALA A 57 -2.99 4.16 14.43
N ILE A 58 -2.71 2.91 14.11
CA ILE A 58 -2.55 2.48 12.70
C ILE A 58 -3.82 2.80 11.89
N VAL A 59 -4.97 2.43 12.42
CA VAL A 59 -6.25 2.72 11.75
C VAL A 59 -6.38 4.22 11.43
N LYS A 60 -6.08 5.07 12.41
CA LYS A 60 -6.22 6.52 12.24
C LYS A 60 -5.26 7.08 11.19
N TYR A 61 -4.00 6.67 11.28
CA TYR A 61 -3.02 7.13 10.27
C TYR A 61 -3.45 6.74 8.86
N LYS A 62 -3.95 5.51 8.72
CA LYS A 62 -4.43 5.07 7.40
C LYS A 62 -5.65 5.87 6.92
N GLU A 63 -6.61 6.10 7.82
CA GLU A 63 -7.74 6.98 7.51
C GLU A 63 -7.30 8.38 7.05
N ALA A 64 -6.33 8.97 7.76
CA ALA A 64 -5.75 10.26 7.36
C ALA A 64 -5.27 10.23 5.90
N LEU A 65 -4.46 9.21 5.59
CA LEU A 65 -3.92 9.04 4.24
C LEU A 65 -4.99 8.83 3.17
N ASP A 66 -6.07 8.16 3.55
CA ASP A 66 -7.20 7.90 2.63
C ASP A 66 -7.82 9.18 2.06
N PHE A 67 -7.73 10.28 2.82
CA PHE A 67 -8.20 11.58 2.33
C PHE A 67 -7.43 12.07 1.10
N PHE A 68 -6.25 11.51 0.87
CA PHE A 68 -5.40 11.93 -0.24
C PHE A 68 -5.41 10.98 -1.43
N ILE A 69 -6.25 9.94 -1.40
CA ILE A 69 -6.42 9.07 -2.57
C ILE A 69 -6.90 9.94 -3.75
N HIS A 70 -6.31 9.70 -4.92
CA HIS A 70 -6.65 10.45 -6.14
C HIS A 70 -6.50 11.98 -6.00
N THR A 71 -5.36 12.42 -5.46
CA THR A 71 -5.10 13.86 -5.34
C THR A 71 -3.80 14.20 -6.07
N GLU A 72 -3.42 13.37 -7.04
CA GLU A 72 -2.13 13.54 -7.75
C GLU A 72 -2.07 14.83 -8.54
N GLU A 73 -3.24 15.32 -8.94
CA GLU A 73 -3.36 16.44 -9.86
C GLU A 73 -3.71 17.75 -9.16
N TRP A 74 -3.62 17.75 -7.83
CA TRP A 74 -3.71 18.99 -7.06
C TRP A 74 -2.60 19.93 -7.52
N ASP A 75 -2.90 21.22 -7.50
CA ASP A 75 -1.91 22.24 -7.88
C ASP A 75 -1.99 23.51 -7.03
N ASP A 76 -2.80 23.48 -5.97
CA ASP A 76 -2.81 24.56 -4.99
C ASP A 76 -1.61 24.38 -4.06
N GLN A 77 -0.60 25.24 -4.21
CA GLN A 77 0.65 25.05 -3.47
C GLN A 77 0.45 24.96 -1.94
N ILE A 78 -0.49 25.75 -1.42
CA ILE A 78 -0.76 25.75 0.02
C ILE A 78 -1.24 24.37 0.49
N LEU A 79 -2.23 23.82 -0.19
CA LEU A 79 -2.75 22.50 0.14
C LEU A 79 -1.72 21.39 -0.12
N LEU A 80 -0.96 21.50 -1.20
CA LEU A 80 0.10 20.52 -1.51
C LEU A 80 1.11 20.45 -0.38
N ASP A 81 1.54 21.62 0.10
CA ASP A 81 2.53 21.65 1.17
C ASP A 81 2.00 21.02 2.46
N LYS A 82 0.73 21.30 2.78
CA LYS A 82 0.10 20.71 3.95
C LYS A 82 -0.05 19.20 3.76
N LYS A 83 -0.46 18.78 2.56
CA LYS A 83 -0.61 17.36 2.23
C LYS A 83 0.72 16.63 2.44
N LYS A 84 1.80 17.23 1.93
CA LYS A 84 3.13 16.64 2.01
C LYS A 84 3.54 16.39 3.47
N ASN A 85 3.40 17.41 4.32
CA ASN A 85 3.68 17.27 5.74
C ASN A 85 2.86 16.17 6.43
N ILE A 86 1.55 16.12 6.12
CA ILE A 86 0.69 15.11 6.71
C ILE A 86 1.07 13.72 6.21
N GLU A 87 1.39 13.61 4.92
CA GLU A 87 1.81 12.32 4.35
C GLU A 87 3.12 11.82 4.95
N ILE A 88 4.08 12.73 5.11
CA ILE A 88 5.34 12.35 5.79
C ILE A 88 5.10 11.86 7.21
N SER A 89 4.31 12.60 7.98
CA SER A 89 4.04 12.24 9.38
C SER A 89 3.30 10.90 9.52
N CYS A 90 2.22 10.76 8.77
CA CYS A 90 1.44 9.53 8.80
C CYS A 90 2.28 8.32 8.41
N ASN A 91 3.04 8.44 7.30
CA ASN A 91 3.85 7.29 6.89
C ASN A 91 5.00 6.97 7.84
N LEU A 92 5.64 8.01 8.38
CA LEU A 92 6.68 7.79 9.39
C LEU A 92 6.10 7.09 10.62
N ASN A 93 5.00 7.63 11.13
CA ASN A 93 4.35 7.06 12.32
C ASN A 93 3.89 5.63 12.05
N LEU A 94 3.35 5.38 10.85
CA LEU A 94 2.96 4.02 10.52
C LEU A 94 4.18 3.09 10.53
N ALA A 95 5.30 3.57 10.00
CA ALA A 95 6.51 2.72 9.99
C ALA A 95 6.89 2.36 11.43
N THR A 96 6.89 3.35 12.32
CA THR A 96 7.09 3.08 13.76
C THR A 96 6.11 2.05 14.31
N CYS A 97 4.81 2.24 14.04
CA CYS A 97 3.79 1.34 14.52
C CYS A 97 4.06 -0.08 14.07
N TYR A 98 4.36 -0.22 12.79
CA TYR A 98 4.56 -1.55 12.25
C TYR A 98 5.87 -2.20 12.75
N ASN A 99 6.93 -1.42 12.94
CA ASN A 99 8.13 -1.95 13.63
C ASN A 99 7.82 -2.44 15.04
N LYS A 100 7.05 -1.65 15.78
CA LYS A 100 6.60 -2.06 17.10
C LYS A 100 5.79 -3.36 17.07
N ASN A 101 4.88 -3.49 16.11
CA ASN A 101 4.06 -4.70 15.96
C ASN A 101 4.80 -5.86 15.25
N LYS A 102 6.07 -5.62 14.89
CA LYS A 102 6.91 -6.57 14.15
C LYS A 102 6.33 -7.00 12.81
N ASP A 103 5.60 -6.08 12.16
CA ASP A 103 5.10 -6.35 10.80
C ASP A 103 6.03 -5.63 9.82
N TYR A 104 7.14 -6.29 9.51
CA TYR A 104 8.21 -5.59 8.84
C TYR A 104 7.92 -5.20 7.38
N PRO A 105 7.22 -6.06 6.63
CA PRO A 105 6.86 -5.63 5.25
C PRO A 105 6.06 -4.32 5.21
N LYS A 106 5.12 -4.17 6.13
CA LYS A 106 4.32 -2.93 6.18
C LYS A 106 5.19 -1.74 6.60
N ALA A 107 6.11 -1.94 7.54
CA ALA A 107 7.04 -0.87 7.91
C ALA A 107 7.93 -0.49 6.72
N ILE A 108 8.42 -1.48 5.98
CA ILE A 108 9.21 -1.19 4.79
C ILE A 108 8.41 -0.31 3.84
N ASP A 109 7.14 -0.69 3.61
CA ASP A 109 6.28 0.05 2.69
C ASP A 109 6.15 1.52 3.08
N HIS A 110 5.82 1.76 4.35
CA HIS A 110 5.58 3.12 4.79
C HIS A 110 6.83 3.98 4.92
N ALA A 111 7.93 3.41 5.43
CA ALA A 111 9.19 4.17 5.47
C ALA A 111 9.61 4.52 4.03
N SER A 112 9.41 3.58 3.10
CA SER A 112 9.79 3.81 1.69
C SER A 112 8.96 4.93 1.07
N LYS A 113 7.69 5.01 1.47
CA LYS A 113 6.81 6.08 1.00
C LYS A 113 7.27 7.46 1.46
N VAL A 114 7.79 7.55 2.68
CA VAL A 114 8.34 8.82 3.15
C VAL A 114 9.51 9.23 2.25
N LEU A 115 10.38 8.27 1.95
CA LEU A 115 11.59 8.52 1.17
C LEU A 115 11.31 8.95 -0.27
N LYS A 116 10.21 8.45 -0.83
CA LYS A 116 9.77 8.89 -2.16
C LYS A 116 9.39 10.37 -2.15
N ILE A 117 8.89 10.85 -1.01
CA ILE A 117 8.41 12.24 -0.84
C ILE A 117 9.51 13.17 -0.31
N ASP A 118 10.40 12.62 0.51
CA ASP A 118 11.40 13.41 1.22
C ASP A 118 12.67 12.55 1.27
N LYS A 119 13.46 12.65 0.19
CA LYS A 119 14.65 11.84 0.03
C LYS A 119 15.64 12.03 1.17
N ASN A 120 16.16 10.93 1.69
CA ASN A 120 17.12 10.98 2.78
C ASN A 120 16.57 11.53 4.11
N ASN A 121 15.23 11.51 4.26
CA ASN A 121 14.62 11.72 5.56
C ASN A 121 15.29 10.75 6.53
N VAL A 122 16.02 11.25 7.52
CA VAL A 122 16.83 10.37 8.38
C VAL A 122 16.00 9.39 9.20
N LYS A 123 14.88 9.87 9.71
CA LYS A 123 14.03 9.01 10.52
C LYS A 123 13.50 7.88 9.66
N ALA A 124 13.12 8.19 8.42
CA ALA A 124 12.61 7.15 7.50
C ALA A 124 13.71 6.15 7.11
N LEU A 125 14.91 6.66 6.84
CA LEU A 125 16.02 5.77 6.49
C LEU A 125 16.27 4.80 7.66
N TYR A 126 16.21 5.34 8.88
CA TYR A 126 16.42 4.53 10.08
C TYR A 126 15.33 3.46 10.21
N LYS A 127 14.07 3.88 10.10
CA LYS A 127 12.96 2.94 10.25
C LYS A 127 12.95 1.89 9.13
N LEU A 128 13.27 2.33 7.91
CA LEU A 128 13.46 1.39 6.80
C LEU A 128 14.59 0.40 7.08
N GLY A 129 15.71 0.91 7.60
CA GLY A 129 16.81 0.02 7.96
C GLY A 129 16.43 -1.01 8.99
N VAL A 130 15.76 -0.57 10.06
CA VAL A 130 15.32 -1.51 11.11
C VAL A 130 14.41 -2.60 10.53
N ALA A 131 13.44 -2.20 9.72
CA ALA A 131 12.45 -3.14 9.19
C ALA A 131 13.11 -4.13 8.21
N ASN A 132 13.96 -3.59 7.34
CA ASN A 132 14.77 -4.43 6.43
C ASN A 132 15.59 -5.45 7.22
N MET A 133 16.24 -4.96 8.26
CA MET A 133 17.14 -5.81 9.05
C MET A 133 16.38 -6.98 9.66
N TYR A 134 15.28 -6.70 10.36
CA TYR A 134 14.55 -7.75 11.06
C TYR A 134 13.84 -8.68 10.08
N PHE A 135 13.51 -8.21 8.89
CA PHE A 135 12.86 -9.09 7.90
C PHE A 135 13.88 -9.95 7.15
N GLY A 136 15.15 -9.57 7.22
CA GLY A 136 16.18 -10.35 6.56
C GLY A 136 16.80 -9.72 5.32
N PHE A 137 16.40 -8.49 5.00
CA PHE A 137 17.03 -7.73 3.93
C PHE A 137 18.29 -7.06 4.48
N LEU A 138 19.26 -7.90 4.83
CA LEU A 138 20.45 -7.47 5.58
C LEU A 138 21.37 -6.52 4.85
N GLU A 139 21.65 -6.80 3.57
CA GLU A 139 22.52 -5.92 2.79
C GLU A 139 21.87 -4.56 2.58
N GLU A 140 20.57 -4.60 2.25
CA GLU A 140 19.73 -3.42 2.15
C GLU A 140 19.76 -2.60 3.44
N ALA A 141 19.52 -3.29 4.55
CA ALA A 141 19.50 -2.63 5.86
C ALA A 141 20.85 -1.97 6.18
N LYS A 142 21.93 -2.66 5.86
CA LYS A 142 23.26 -2.11 6.13
C LYS A 142 23.44 -0.78 5.39
N GLU A 143 22.98 -0.74 4.14
CA GLU A 143 23.08 0.50 3.34
C GLU A 143 22.23 1.63 3.95
N ASN A 144 20.99 1.31 4.33
CA ASN A 144 20.08 2.31 4.92
C ASN A 144 20.71 2.89 6.17
N LEU A 145 21.21 1.99 7.01
CA LEU A 145 21.69 2.36 8.35
C LEU A 145 23.04 3.06 8.27
N TYR A 146 23.91 2.61 7.37
CA TYR A 146 25.19 3.29 7.14
C TYR A 146 24.92 4.72 6.66
N LYS A 147 23.94 4.88 5.77
CA LYS A 147 23.57 6.23 5.31
C LYS A 147 23.01 7.08 6.46
N ALA A 148 22.10 6.50 7.23
CA ALA A 148 21.49 7.22 8.35
C ALA A 148 22.54 7.65 9.37
N ALA A 149 23.47 6.75 9.68
CA ALA A 149 24.54 7.04 10.66
C ALA A 149 25.47 8.13 10.11
N SER A 150 25.71 8.08 8.80
CA SER A 150 26.52 9.10 8.15
C SER A 150 25.91 10.49 8.26
N LEU A 151 24.57 10.57 8.15
CA LEU A 151 23.85 11.83 8.28
C LEU A 151 23.72 12.30 9.72
N ASN A 152 23.58 11.36 10.65
CA ASN A 152 23.44 11.67 12.09
C ASN A 152 24.41 10.85 12.91
N PRO A 153 25.71 11.16 12.83
CA PRO A 153 26.75 10.27 13.38
C PRO A 153 26.77 10.11 14.91
N ASN A 154 26.15 11.01 15.65
CA ASN A 154 26.09 10.81 17.11
C ASN A 154 24.76 10.23 17.60
N ASN A 155 23.90 9.82 16.68
CA ASN A 155 22.61 9.23 17.07
C ASN A 155 22.82 7.79 17.48
N LEU A 156 22.57 7.51 18.76
CA LEU A 156 22.86 6.20 19.34
C LEU A 156 21.88 5.14 18.88
N ASP A 157 20.62 5.54 18.70
CA ASP A 157 19.61 4.61 18.20
C ASP A 157 20.04 4.07 16.84
N ILE A 158 20.49 4.96 15.95
CA ILE A 158 20.97 4.53 14.63
C ILE A 158 22.21 3.65 14.78
N ARG A 159 23.17 4.11 15.59
CA ARG A 159 24.39 3.35 15.78
C ARG A 159 24.15 1.92 16.26
N ASN A 160 23.32 1.78 17.29
CA ASN A 160 23.05 0.44 17.82
C ASN A 160 22.41 -0.48 16.79
N SER A 161 21.49 0.07 15.99
CA SER A 161 20.83 -0.72 14.95
C SER A 161 21.83 -1.12 13.85
N TYR A 162 22.70 -0.19 13.48
CA TYR A 162 23.78 -0.51 12.53
C TYR A 162 24.69 -1.65 13.04
N GLU A 163 25.11 -1.59 14.30
CA GLU A 163 25.90 -2.66 14.89
C GLU A 163 25.16 -3.99 14.86
N LEU A 164 23.85 -3.96 15.15
CA LEU A 164 23.10 -5.22 15.14
C LEU A 164 23.05 -5.74 13.69
N CYS A 165 22.81 -4.83 12.75
CA CYS A 165 22.76 -5.21 11.35
C CYS A 165 24.05 -5.92 10.91
N VAL A 166 25.18 -5.32 11.24
CA VAL A 166 26.50 -5.88 10.86
C VAL A 166 26.74 -7.24 11.53
N ASN A 167 26.32 -7.34 12.80
CA ASN A 167 26.37 -8.60 13.54
C ASN A 167 25.56 -9.70 12.83
N LYS A 168 24.31 -9.37 12.49
CA LYS A 168 23.44 -10.28 11.76
C LYS A 168 24.03 -10.70 10.42
N LEU A 169 24.58 -9.74 9.68
CA LEU A 169 25.11 -10.00 8.35
C LEU A 169 26.34 -10.90 8.40
N LYS A 170 27.23 -10.65 9.36
CA LYS A 170 28.39 -11.52 9.57
C LYS A 170 27.98 -12.96 9.94
N GLU A 171 26.98 -13.10 10.80
CA GLU A 171 26.41 -14.42 11.10
C GLU A 171 25.80 -15.07 9.84
N ALA A 172 24.96 -14.32 9.12
CA ALA A 172 24.25 -14.85 7.95
C ALA A 172 25.20 -15.38 6.88
N ARG A 173 26.29 -14.65 6.66
CA ARG A 173 27.29 -15.01 5.65
C ARG A 173 28.01 -16.34 5.96
N LYS A 174 28.07 -16.70 7.24
CA LYS A 174 28.58 -18.02 7.64
C LYS A 174 27.52 -19.08 7.34
N SER B 25 14.93 -16.70 6.73
CA SER B 25 14.39 -15.38 6.31
C SER B 25 14.56 -15.22 4.82
N ILE B 26 14.07 -14.10 4.31
CA ILE B 26 14.20 -13.78 2.89
C ILE B 26 15.66 -13.81 2.43
N TYR B 27 16.60 -13.66 3.38
CA TYR B 27 18.02 -13.68 3.02
C TYR B 27 18.42 -15.01 2.34
N ASP B 28 17.73 -16.08 2.72
CA ASP B 28 18.11 -17.44 2.35
C ASP B 28 17.54 -17.89 1.00
N TYR B 29 16.89 -16.98 0.28
CA TYR B 29 16.21 -17.30 -0.99
C TYR B 29 16.93 -16.72 -2.20
N THR B 30 17.22 -17.57 -3.19
CA THR B 30 17.68 -17.09 -4.49
C THR B 30 16.49 -16.43 -5.18
N ASP B 31 16.77 -15.66 -6.23
CA ASP B 31 15.68 -15.02 -6.99
C ASP B 31 14.70 -16.06 -7.51
N GLU B 32 15.24 -17.15 -8.03
CA GLU B 32 14.40 -18.24 -8.54
C GLU B 32 13.51 -18.82 -7.43
N GLU B 33 14.10 -18.98 -6.23
CA GLU B 33 13.34 -19.49 -5.10
C GLU B 33 12.25 -18.52 -4.65
N LYS B 34 12.53 -17.22 -4.76
CA LYS B 34 11.52 -16.21 -4.41
C LYS B 34 10.29 -16.32 -5.33
N VAL B 35 10.52 -16.45 -6.64
CA VAL B 35 9.41 -16.62 -7.57
C VAL B 35 8.61 -17.91 -7.30
N GLN B 36 9.32 -19.02 -7.04
CA GLN B 36 8.66 -20.28 -6.76
C GLN B 36 7.82 -20.20 -5.48
N SER B 37 8.39 -19.56 -4.45
CA SER B 37 7.66 -19.40 -3.20
C SER B 37 6.42 -18.51 -3.38
N ALA B 38 6.57 -17.38 -4.07
CA ALA B 38 5.43 -16.51 -4.34
C ALA B 38 4.33 -17.25 -5.07
N PHE B 39 4.70 -18.05 -6.07
CA PHE B 39 3.71 -18.86 -6.79
C PHE B 39 2.97 -19.87 -5.86
N ASP B 40 3.74 -20.61 -5.07
CA ASP B 40 3.16 -21.57 -4.13
C ASP B 40 2.21 -20.94 -3.12
N ILE B 41 2.60 -19.77 -2.62
CA ILE B 41 1.81 -19.08 -1.58
C ILE B 41 0.56 -18.46 -2.21
N LYS B 42 0.70 -17.97 -3.44
CA LYS B 42 -0.46 -17.47 -4.19
C LYS B 42 -1.48 -18.60 -4.39
N GLU B 43 -0.99 -19.79 -4.73
CA GLU B 43 -1.89 -20.93 -4.89
C GLU B 43 -2.61 -21.25 -3.59
N GLU B 44 -1.88 -21.15 -2.48
CA GLU B 44 -2.45 -21.36 -1.14
C GLU B 44 -3.56 -20.35 -0.89
N GLY B 45 -3.32 -19.08 -1.24
CA GLY B 45 -4.33 -18.04 -1.11
C GLY B 45 -5.57 -18.34 -1.95
N ASN B 46 -5.34 -18.84 -3.17
CA ASN B 46 -6.44 -19.24 -4.07
C ASN B 46 -7.35 -20.28 -3.43
N GLU B 47 -6.74 -21.24 -2.73
CA GLU B 47 -7.52 -22.27 -2.04
C GLU B 47 -8.41 -21.68 -0.95
N PHE B 48 -7.87 -20.76 -0.13
CA PHE B 48 -8.67 -20.08 0.89
C PHE B 48 -9.78 -19.27 0.23
N PHE B 49 -9.41 -18.55 -0.84
CA PHE B 49 -10.37 -17.73 -1.59
C PHE B 49 -11.58 -18.53 -2.08
N LYS B 50 -11.31 -19.70 -2.65
CA LYS B 50 -12.36 -20.57 -3.20
C LYS B 50 -13.29 -21.14 -2.10
N LYS B 51 -12.79 -21.17 -0.87
CA LYS B 51 -13.53 -21.66 0.30
C LYS B 51 -14.21 -20.53 1.08
N ASN B 52 -14.21 -19.33 0.50
CA ASN B 52 -14.79 -18.14 1.13
C ASN B 52 -14.08 -17.69 2.43
N GLU B 53 -12.84 -18.16 2.62
CA GLU B 53 -12.03 -17.79 3.77
C GLU B 53 -11.18 -16.57 3.36
N ILE B 54 -11.84 -15.43 3.35
CA ILE B 54 -11.29 -14.20 2.74
C ILE B 54 -10.12 -13.62 3.51
N ASN B 55 -10.25 -13.55 4.84
CA ASN B 55 -9.19 -13.00 5.65
C ASN B 55 -7.90 -13.80 5.53
N GLU B 56 -8.04 -15.13 5.45
CA GLU B 56 -6.89 -15.99 5.27
C GLU B 56 -6.30 -15.90 3.85
N ALA B 57 -7.16 -15.77 2.85
CA ALA B 57 -6.64 -15.56 1.46
C ALA B 57 -5.82 -14.26 1.38
N ILE B 58 -6.33 -13.21 2.01
CA ILE B 58 -5.63 -11.92 2.07
C ILE B 58 -4.21 -12.09 2.63
N VAL B 59 -4.11 -12.80 3.76
CA VAL B 59 -2.80 -13.03 4.37
C VAL B 59 -1.85 -13.74 3.40
N LYS B 60 -2.33 -14.76 2.71
CA LYS B 60 -1.49 -15.51 1.78
C LYS B 60 -1.07 -14.63 0.61
N TYR B 61 -1.99 -13.86 0.03
CA TYR B 61 -1.61 -13.05 -1.14
C TYR B 61 -0.54 -12.01 -0.78
N LYS B 62 -0.68 -11.40 0.39
CA LYS B 62 0.31 -10.44 0.86
C LYS B 62 1.66 -11.13 1.11
N GLU B 63 1.63 -12.33 1.71
CA GLU B 63 2.84 -13.14 1.94
C GLU B 63 3.54 -13.46 0.61
N ALA B 64 2.75 -13.74 -0.43
CA ALA B 64 3.31 -14.07 -1.73
C ALA B 64 4.03 -12.83 -2.25
N LEU B 65 3.34 -11.71 -2.20
CA LEU B 65 3.90 -10.45 -2.72
C LEU B 65 5.17 -9.98 -1.96
N ASP B 66 5.25 -10.32 -0.68
CA ASP B 66 6.43 -9.97 0.14
C ASP B 66 7.73 -10.51 -0.45
N PHE B 67 7.64 -11.63 -1.19
CA PHE B 67 8.83 -12.17 -1.86
C PHE B 67 9.42 -11.28 -2.94
N PHE B 68 8.63 -10.31 -3.40
CA PHE B 68 9.07 -9.38 -4.44
C PHE B 68 9.51 -8.02 -3.89
N ILE B 69 9.59 -7.88 -2.57
CA ILE B 69 10.10 -6.62 -2.02
C ILE B 69 11.56 -6.46 -2.44
N HIS B 70 11.92 -5.25 -2.91
CA HIS B 70 13.28 -4.93 -3.33
C HIS B 70 13.70 -5.80 -4.54
N THR B 71 12.81 -5.96 -5.50
CA THR B 71 13.16 -6.68 -6.75
C THR B 71 12.99 -5.80 -7.99
N GLU B 72 12.93 -4.47 -7.80
CA GLU B 72 12.71 -3.59 -8.94
C GLU B 72 13.87 -3.58 -9.95
N GLU B 73 15.02 -4.09 -9.54
CA GLU B 73 16.20 -4.15 -10.40
C GLU B 73 16.39 -5.50 -11.12
N TRP B 74 15.44 -6.43 -10.99
CA TRP B 74 15.50 -7.70 -11.69
C TRP B 74 15.56 -7.42 -13.19
N ASP B 75 16.38 -8.19 -13.93
CA ASP B 75 16.44 -8.00 -15.40
C ASP B 75 16.26 -9.30 -16.22
N ASP B 76 16.24 -10.43 -15.52
CA ASP B 76 16.02 -11.75 -16.13
C ASP B 76 14.60 -11.77 -16.70
N GLN B 77 14.51 -11.95 -18.02
CA GLN B 77 13.23 -11.96 -18.74
C GLN B 77 12.18 -12.88 -18.14
N ILE B 78 12.62 -14.08 -17.79
CA ILE B 78 11.71 -15.11 -17.31
C ILE B 78 11.24 -14.79 -15.89
N LEU B 79 12.17 -14.43 -15.02
CA LEU B 79 11.80 -14.04 -13.67
C LEU B 79 10.84 -12.85 -13.71
N LEU B 80 11.11 -11.88 -14.60
CA LEU B 80 10.23 -10.72 -14.76
C LEU B 80 8.83 -11.13 -15.20
N ASP B 81 8.74 -12.03 -16.20
CA ASP B 81 7.44 -12.46 -16.70
C ASP B 81 6.64 -13.21 -15.63
N LYS B 82 7.30 -14.10 -14.90
CA LYS B 82 6.63 -14.86 -13.87
C LYS B 82 6.19 -13.90 -12.76
N LYS B 83 7.10 -13.01 -12.38
CA LYS B 83 6.79 -11.97 -11.37
C LYS B 83 5.55 -11.18 -11.77
N LYS B 84 5.48 -10.74 -13.04
CA LYS B 84 4.34 -9.95 -13.51
C LYS B 84 3.04 -10.76 -13.39
N ASN B 85 3.09 -12.01 -13.80
CA ASN B 85 1.90 -12.85 -13.74
C ASN B 85 1.41 -13.03 -12.31
N ILE B 86 2.35 -13.31 -11.41
CA ILE B 86 2.02 -13.52 -10.01
C ILE B 86 1.51 -12.22 -9.38
N GLU B 87 2.18 -11.11 -9.64
CA GLU B 87 1.74 -9.81 -9.10
C GLU B 87 0.35 -9.42 -9.57
N ILE B 88 0.08 -9.62 -10.87
CA ILE B 88 -1.28 -9.37 -11.38
C ILE B 88 -2.30 -10.21 -10.62
N SER B 89 -2.06 -11.52 -10.53
CA SER B 89 -2.98 -12.42 -9.81
C SER B 89 -3.20 -12.02 -8.36
N CYS B 90 -2.11 -11.80 -7.63
CA CYS B 90 -2.20 -11.48 -6.22
C CYS B 90 -2.95 -10.17 -6.02
N ASN B 91 -2.59 -9.15 -6.80
CA ASN B 91 -3.24 -7.83 -6.62
C ASN B 91 -4.72 -7.84 -7.06
N LEU B 92 -5.04 -8.55 -8.14
CA LEU B 92 -6.44 -8.69 -8.54
C LEU B 92 -7.27 -9.37 -7.44
N ASN B 93 -6.74 -10.49 -6.93
CA ASN B 93 -7.47 -11.25 -5.92
C ASN B 93 -7.58 -10.47 -4.62
N LEU B 94 -6.53 -9.75 -4.27
CA LEU B 94 -6.62 -8.83 -3.13
C LEU B 94 -7.74 -7.80 -3.35
N ALA B 95 -7.81 -7.21 -4.54
CA ALA B 95 -8.87 -6.22 -4.78
C ALA B 95 -10.24 -6.84 -4.58
N THR B 96 -10.46 -8.04 -5.13
CA THR B 96 -11.71 -8.78 -4.92
C THR B 96 -11.95 -9.01 -3.43
N CYS B 97 -10.95 -9.56 -2.73
CA CYS B 97 -11.06 -9.79 -1.28
C CYS B 97 -11.46 -8.52 -0.54
N TYR B 98 -10.81 -7.40 -0.85
CA TYR B 98 -11.09 -6.16 -0.14
C TYR B 98 -12.48 -5.59 -0.48
N ASN B 99 -12.92 -5.72 -1.72
CA ASN B 99 -14.32 -5.42 -2.04
C ASN B 99 -15.30 -6.29 -1.26
N LYS B 100 -14.98 -7.57 -1.09
CA LYS B 100 -15.87 -8.46 -0.32
C LYS B 100 -15.95 -7.96 1.13
N ASN B 101 -14.80 -7.55 1.69
CA ASN B 101 -14.70 -7.05 3.06
C ASN B 101 -15.13 -5.60 3.25
N LYS B 102 -15.52 -4.95 2.14
CA LYS B 102 -15.92 -3.55 2.11
C LYS B 102 -14.78 -2.61 2.57
N ASP B 103 -13.56 -3.00 2.25
CA ASP B 103 -12.40 -2.15 2.52
C ASP B 103 -11.97 -1.49 1.22
N TYR B 104 -12.69 -0.44 0.86
CA TYR B 104 -12.53 0.15 -0.48
C TYR B 104 -11.17 0.82 -0.72
N PRO B 105 -10.62 1.54 0.29
CA PRO B 105 -9.26 2.06 0.09
C PRO B 105 -8.25 0.98 -0.29
N LYS B 106 -8.32 -0.18 0.36
CA LYS B 106 -7.36 -1.26 0.07
C LYS B 106 -7.64 -1.88 -1.32
N ALA B 107 -8.91 -2.01 -1.67
CA ALA B 107 -9.29 -2.49 -3.01
C ALA B 107 -8.78 -1.52 -4.09
N ILE B 108 -8.97 -0.22 -3.88
CA ILE B 108 -8.45 0.79 -4.79
C ILE B 108 -6.93 0.62 -4.96
N ASP B 109 -6.22 0.48 -3.86
CA ASP B 109 -4.75 0.35 -3.91
C ASP B 109 -4.34 -0.83 -4.78
N HIS B 110 -4.92 -1.98 -4.50
CA HIS B 110 -4.51 -3.19 -5.21
C HIS B 110 -4.97 -3.26 -6.67
N ALA B 111 -6.18 -2.82 -6.95
CA ALA B 111 -6.61 -2.70 -8.35
C ALA B 111 -5.70 -1.76 -9.14
N SER B 112 -5.31 -0.65 -8.52
CA SER B 112 -4.46 0.34 -9.17
C SER B 112 -3.10 -0.26 -9.45
N LYS B 113 -2.61 -1.09 -8.54
CA LYS B 113 -1.30 -1.75 -8.74
C LYS B 113 -1.34 -2.66 -9.97
N VAL B 114 -2.46 -3.36 -10.18
CA VAL B 114 -2.61 -4.19 -11.39
C VAL B 114 -2.48 -3.28 -12.62
N LEU B 115 -3.20 -2.16 -12.60
CA LEU B 115 -3.22 -1.30 -13.79
C LEU B 115 -1.88 -0.64 -14.10
N LYS B 116 -1.05 -0.48 -13.06
CA LYS B 116 0.30 0.02 -13.24
C LYS B 116 1.16 -0.94 -14.05
N ILE B 117 0.90 -2.23 -13.91
CA ILE B 117 1.71 -3.23 -14.63
C ILE B 117 1.00 -3.83 -15.85
N ASP B 118 -0.31 -3.66 -15.94
CA ASP B 118 -1.09 -4.16 -17.06
C ASP B 118 -2.18 -3.14 -17.37
N LYS B 119 -1.81 -2.10 -18.12
CA LYS B 119 -2.76 -1.03 -18.43
C LYS B 119 -4.03 -1.59 -19.07
N ASN B 120 -5.16 -1.02 -18.70
CA ASN B 120 -6.47 -1.45 -19.23
C ASN B 120 -6.85 -2.92 -18.98
N ASN B 121 -6.26 -3.54 -17.95
CA ASN B 121 -6.72 -4.85 -17.50
C ASN B 121 -8.18 -4.70 -17.12
N VAL B 122 -9.08 -5.45 -17.75
CA VAL B 122 -10.52 -5.21 -17.59
C VAL B 122 -11.03 -5.55 -16.21
N LYS B 123 -10.54 -6.67 -15.66
CA LYS B 123 -10.93 -7.06 -14.32
C LYS B 123 -10.56 -5.98 -13.30
N ALA B 124 -9.34 -5.43 -13.43
CA ALA B 124 -8.84 -4.40 -12.50
C ALA B 124 -9.64 -3.11 -12.66
N LEU B 125 -9.94 -2.71 -13.91
CA LEU B 125 -10.73 -1.49 -14.11
C LEU B 125 -12.08 -1.63 -13.43
N TYR B 126 -12.67 -2.81 -13.58
CA TYR B 126 -13.95 -3.09 -12.94
C TYR B 126 -13.86 -3.02 -11.41
N LYS B 127 -12.91 -3.74 -10.82
CA LYS B 127 -12.79 -3.73 -9.35
C LYS B 127 -12.48 -2.33 -8.80
N LEU B 128 -11.64 -1.60 -9.53
CA LEU B 128 -11.29 -0.24 -9.18
C LEU B 128 -12.54 0.63 -9.25
N GLY B 129 -13.32 0.49 -10.33
CA GLY B 129 -14.55 1.26 -10.45
C GLY B 129 -15.50 1.02 -9.29
N VAL B 130 -15.70 -0.23 -8.93
CA VAL B 130 -16.60 -0.55 -7.82
C VAL B 130 -16.09 0.07 -6.50
N ALA B 131 -14.80 -0.12 -6.23
CA ALA B 131 -14.26 0.43 -4.98
C ALA B 131 -14.31 1.96 -4.95
N ASN B 132 -13.93 2.59 -6.06
CA ASN B 132 -14.04 4.04 -6.19
C ASN B 132 -15.47 4.49 -5.95
N MET B 133 -16.44 3.74 -6.49
CA MET B 133 -17.84 4.16 -6.42
C MET B 133 -18.32 4.14 -4.98
N TYR B 134 -18.06 3.04 -4.31
CA TYR B 134 -18.53 2.91 -2.92
C TYR B 134 -17.83 3.85 -1.97
N PHE B 135 -16.56 4.17 -2.24
CA PHE B 135 -15.87 5.15 -1.40
C PHE B 135 -16.31 6.59 -1.64
N GLY B 136 -16.90 6.86 -2.82
CA GLY B 136 -17.39 8.20 -3.16
C GLY B 136 -16.61 8.94 -4.26
N PHE B 137 -15.61 8.29 -4.86
CA PHE B 137 -14.96 8.83 -6.04
C PHE B 137 -15.83 8.52 -7.25
N LEU B 138 -16.96 9.23 -7.34
CA LEU B 138 -17.98 8.90 -8.34
C LEU B 138 -17.57 9.19 -9.77
N GLU B 139 -16.92 10.33 -9.99
CA GLU B 139 -16.50 10.68 -11.37
C GLU B 139 -15.41 9.70 -11.84
N GLU B 140 -14.46 9.42 -10.94
CA GLU B 140 -13.40 8.45 -11.24
C GLU B 140 -14.03 7.08 -11.57
N ALA B 141 -14.97 6.65 -10.72
CA ALA B 141 -15.61 5.34 -10.89
C ALA B 141 -16.32 5.24 -12.25
N LYS B 142 -16.97 6.33 -12.67
CA LYS B 142 -17.71 6.26 -13.92
C LYS B 142 -16.76 6.12 -15.09
N GLU B 143 -15.60 6.77 -14.99
CA GLU B 143 -14.53 6.57 -15.98
C GLU B 143 -14.06 5.11 -16.01
N ASN B 144 -13.82 4.52 -14.84
CA ASN B 144 -13.33 3.13 -14.76
C ASN B 144 -14.35 2.17 -15.37
N LEU B 145 -15.61 2.37 -14.98
CA LEU B 145 -16.69 1.47 -15.38
C LEU B 145 -17.01 1.63 -16.86
N TYR B 146 -17.01 2.87 -17.34
CA TYR B 146 -17.12 3.10 -18.78
C TYR B 146 -16.03 2.34 -19.55
N LYS B 147 -14.78 2.44 -19.09
CA LYS B 147 -13.68 1.75 -19.74
C LYS B 147 -13.87 0.23 -19.70
N ALA B 148 -14.24 -0.30 -18.54
CA ALA B 148 -14.41 -1.75 -18.40
C ALA B 148 -15.56 -2.23 -19.30
N ALA B 149 -16.67 -1.49 -19.28
CA ALA B 149 -17.86 -1.82 -20.07
C ALA B 149 -17.52 -1.80 -21.57
N SER B 150 -16.68 -0.85 -21.97
N SER B 150 -16.70 -0.83 -21.96
CA SER B 150 -16.32 -0.68 -23.37
CA SER B 150 -16.31 -0.67 -23.37
C SER B 150 -15.34 -1.75 -23.87
C SER B 150 -15.45 -1.85 -23.83
N LEU B 151 -14.54 -2.29 -22.96
CA LEU B 151 -13.69 -3.45 -23.23
C LEU B 151 -14.43 -4.79 -23.09
N ASN B 152 -15.46 -4.83 -22.24
CA ASN B 152 -16.24 -6.04 -21.96
C ASN B 152 -17.74 -5.77 -21.95
N PRO B 153 -18.31 -5.46 -23.14
CA PRO B 153 -19.67 -4.92 -23.27
C PRO B 153 -20.80 -5.90 -22.99
N ASN B 154 -20.49 -7.18 -22.95
CA ASN B 154 -21.50 -8.20 -22.74
C ASN B 154 -21.47 -8.77 -21.32
N ASN B 155 -21.05 -7.94 -20.37
CA ASN B 155 -21.01 -8.35 -18.96
C ASN B 155 -22.09 -7.62 -18.16
N LEU B 156 -23.11 -8.37 -17.71
CA LEU B 156 -24.21 -7.73 -16.96
C LEU B 156 -23.80 -7.21 -15.60
N ASP B 157 -22.82 -7.84 -14.97
CA ASP B 157 -22.37 -7.38 -13.65
C ASP B 157 -21.70 -6.01 -13.75
N ILE B 158 -20.95 -5.78 -14.82
CA ILE B 158 -20.42 -4.43 -15.05
C ILE B 158 -21.57 -3.45 -15.25
N ARG B 159 -22.57 -3.84 -16.06
CA ARG B 159 -23.71 -2.94 -16.32
C ARG B 159 -24.42 -2.55 -15.02
N ASN B 160 -24.66 -3.51 -14.13
CA ASN B 160 -25.33 -3.22 -12.87
C ASN B 160 -24.56 -2.21 -12.02
N SER B 161 -23.24 -2.37 -11.99
CA SER B 161 -22.42 -1.43 -11.23
C SER B 161 -22.37 -0.06 -11.88
N TYR B 162 -22.31 -0.05 -13.21
CA TYR B 162 -22.31 1.18 -13.98
C TYR B 162 -23.65 1.93 -13.76
N GLU B 163 -24.77 1.18 -13.75
CA GLU B 163 -26.09 1.77 -13.43
C GLU B 163 -26.10 2.47 -12.08
N LEU B 164 -25.60 1.78 -11.06
CA LEU B 164 -25.54 2.35 -9.73
C LEU B 164 -24.67 3.60 -9.70
N CYS B 165 -23.51 3.55 -10.39
CA CYS B 165 -22.60 4.70 -10.42
C CYS B 165 -23.29 5.92 -11.01
N VAL B 166 -24.00 5.71 -12.11
CA VAL B 166 -24.72 6.82 -12.76
C VAL B 166 -25.83 7.40 -11.84
N ASN B 167 -26.60 6.53 -11.20
CA ASN B 167 -27.61 6.95 -10.22
C ASN B 167 -27.00 7.79 -9.10
N LYS B 168 -25.88 7.31 -8.55
CA LYS B 168 -25.21 7.99 -7.46
C LYS B 168 -24.72 9.34 -7.92
N LEU B 169 -24.16 9.39 -9.12
CA LEU B 169 -23.61 10.63 -9.64
C LEU B 169 -24.74 11.62 -9.89
N LYS B 170 -25.83 11.15 -10.50
CA LYS B 170 -27.00 12.01 -10.74
C LYS B 170 -27.54 12.62 -9.45
N GLU B 171 -27.69 11.77 -8.44
CA GLU B 171 -28.22 12.18 -7.14
C GLU B 171 -27.30 13.16 -6.42
N ALA B 172 -25.99 12.92 -6.50
CA ALA B 172 -25.00 13.77 -5.84
C ALA B 172 -24.88 15.14 -6.50
N ARG B 173 -25.10 15.17 -7.81
CA ARG B 173 -25.00 16.38 -8.61
C ARG B 173 -26.24 17.25 -8.54
N LYS B 174 -27.39 16.64 -8.26
CA LYS B 174 -28.62 17.38 -8.01
C LYS B 174 -28.65 17.86 -6.56
N LYS B 175 -27.88 17.16 -5.70
CA LYS B 175 -27.59 17.62 -4.34
C LYS B 175 -26.33 18.48 -4.38
#